data_5A93
#
_entry.id   5A93
#
_cell.length_a   73.315
_cell.length_b   73.315
_cell.length_c   98.870
_cell.angle_alpha   90.00
_cell.angle_beta   90.00
_cell.angle_gamma   120.00
#
_symmetry.space_group_name_H-M   'P 32 2 1'
#
loop_
_entity.id
_entity.type
_entity.pdbx_description
1 polymer 'BETA-LACTAMASE CTX-M-97'
2 non-polymer "CEFOTAXIME, C3' cleaved, open, bound form"
3 non-polymer 'SULFATE ION'
4 water water
#
_entity_poly.entity_id   1
_entity_poly.type   'polypeptide(L)'
_entity_poly.pdbx_seq_one_letter_code
;ANSVQQQLEALEKSSGGRLGVALINTADNSQILYRADERFAMCSTSKVMAAAAVLKQSESDKHLLNQRVEIKKSDLVNYN
PIAEKHVNGTMTLAELGAAALQYSDNTAMNKLIAHLGGPDKVTAFARSLGDETFRLDRTAPTLNTAIPGDPRDTTTPLAM
AQTLKNLTLGKALAETQRAQLVTWLKGNTTGSASIRAGLPKSWVVGDKTGSGDYGTTNDIAVIWPENHAPLVLVTYFTQP
EQKAENRNDILAAAAKIVTHGF
;
_entity_poly.pdbx_strand_id   A
#
loop_
_chem_comp.id
_chem_comp.type
_chem_comp.name
_chem_comp.formula
CEF non-polymer 'CEFOTAXIME, C3' cleaved, open, bound form' 'C14 H15 N5 O5 S2'
SO4 non-polymer 'SULFATE ION' 'O4 S -2'
#
# COMPACT_ATOMS: atom_id res chain seq x y z
N SER A 3 12.83 -15.37 20.35
CA SER A 3 12.24 -15.75 19.06
C SER A 3 11.73 -14.52 18.32
N VAL A 4 11.26 -14.71 17.09
CA VAL A 4 10.80 -13.59 16.30
C VAL A 4 9.56 -13.01 16.94
N GLN A 5 8.70 -13.89 17.37
CA GLN A 5 7.49 -13.46 18.07
C GLN A 5 7.76 -12.66 19.33
N GLN A 6 8.72 -13.11 20.13
CA GLN A 6 9.09 -12.39 21.34
C GLN A 6 9.68 -11.02 21.02
N GLN A 7 10.44 -10.94 19.93
CA GLN A 7 11.09 -9.71 19.54
C GLN A 7 10.03 -8.71 19.08
N LEU A 8 9.05 -9.18 18.31
CA LEU A 8 7.98 -8.28 17.88
C LEU A 8 7.12 -7.80 19.04
N GLU A 9 6.80 -8.69 19.98
CA GLU A 9 6.05 -8.28 21.19
C GLU A 9 6.77 -7.21 21.96
N ALA A 10 8.09 -7.37 22.10
CA ALA A 10 8.89 -6.38 22.84
C ALA A 10 8.92 -5.04 22.14
N LEU A 11 9.01 -5.11 20.81
CA LEU A 11 9.05 -3.90 20.04
C LEU A 11 7.72 -3.15 20.16
N GLU A 12 6.63 -3.87 20.04
CA GLU A 12 5.32 -3.30 20.19
C GLU A 12 5.13 -2.67 21.59
N LYS A 13 5.54 -3.41 22.61
CA LYS A 13 5.38 -2.89 23.96
C LYS A 13 6.15 -1.61 24.18
N SER A 14 7.37 -1.57 23.76
CA SER A 14 8.18 -0.37 24.00
CA SER A 14 8.19 -0.37 23.96
C SER A 14 7.73 0.80 23.14
N SER A 15 7.19 0.51 21.96
CA SER A 15 6.73 1.56 21.07
C SER A 15 5.44 2.24 21.52
N GLY A 16 4.69 1.59 22.36
CA GLY A 16 3.43 2.16 22.84
C GLY A 16 2.34 2.17 21.81
N GLY A 17 2.32 1.17 20.96
CA GLY A 17 1.21 1.08 20.01
C GLY A 17 0.80 -0.33 19.70
N ARG A 18 0.24 -0.51 18.51
CA ARG A 18 -0.26 -1.78 18.07
C ARG A 18 0.39 -2.07 16.70
N LEU A 19 1.05 -3.23 16.61
CA LEU A 19 1.85 -3.60 15.44
C LEU A 19 1.23 -4.81 14.76
N GLY A 20 1.15 -4.79 13.42
CA GLY A 20 0.59 -5.91 12.67
C GLY A 20 1.58 -6.24 11.56
N VAL A 21 2.01 -7.50 11.50
CA VAL A 21 3.03 -7.92 10.54
C VAL A 21 2.51 -9.17 9.84
N ALA A 22 2.71 -9.25 8.53
CA ALA A 22 2.54 -10.49 7.82
C ALA A 22 3.64 -10.58 6.76
N LEU A 23 4.43 -11.64 6.88
CA LEU A 23 5.45 -11.99 5.90
CA LEU A 23 5.47 -12.00 5.91
C LEU A 23 5.11 -13.30 5.25
N ILE A 24 5.16 -13.31 3.93
CA ILE A 24 5.00 -14.54 3.18
C ILE A 24 6.30 -14.81 2.44
N ASN A 25 6.88 -15.99 2.67
CA ASN A 25 8.06 -16.44 1.95
CA ASN A 25 8.07 -16.42 1.93
C ASN A 25 7.60 -17.30 0.79
N THR A 26 7.75 -16.80 -0.42
CA THR A 26 7.17 -17.52 -1.55
C THR A 26 7.98 -18.76 -1.93
N ALA A 27 9.12 -19.01 -1.30
CA ALA A 27 9.86 -20.27 -1.58
C ALA A 27 9.03 -21.50 -1.15
N ASP A 28 8.42 -21.43 0.04
CA ASP A 28 7.62 -22.53 0.59
C ASP A 28 6.27 -22.11 1.15
N ASN A 29 5.88 -20.87 0.91
CA ASN A 29 4.59 -20.34 1.35
C ASN A 29 4.46 -20.35 2.86
N SER A 30 5.60 -20.31 3.52
CA SER A 30 5.59 -20.17 4.97
C SER A 30 5.33 -18.72 5.34
N GLN A 31 4.87 -18.52 6.57
CA GLN A 31 4.37 -17.20 6.99
C GLN A 31 4.92 -16.89 8.36
N ILE A 32 5.15 -15.61 8.57
CA ILE A 32 5.45 -15.07 9.89
C ILE A 32 4.36 -14.05 10.16
N LEU A 33 3.58 -14.25 11.22
CA LEU A 33 2.39 -13.46 11.49
C LEU A 33 2.40 -12.86 12.88
N TYR A 34 1.92 -11.64 13.01
CA TYR A 34 1.83 -10.97 14.31
C TYR A 34 0.62 -10.04 14.20
N ARG A 35 -0.44 -10.32 14.97
CA ARG A 35 -1.71 -9.61 14.84
C ARG A 35 -2.18 -9.53 13.39
N ALA A 36 -1.95 -10.61 12.67
CA ALA A 36 -2.18 -10.55 11.23
C ALA A 36 -3.64 -10.64 10.80
N ASP A 37 -4.51 -11.02 11.74
CA ASP A 37 -5.94 -11.09 11.50
C ASP A 37 -6.72 -9.96 12.16
N GLU A 38 -6.01 -8.96 12.65
CA GLU A 38 -6.64 -7.74 13.17
C GLU A 38 -6.75 -6.66 12.13
N ARG A 39 -7.80 -5.85 12.19
CA ARG A 39 -7.99 -4.77 11.24
C ARG A 39 -7.16 -3.57 11.63
N PHE A 40 -6.58 -2.94 10.61
CA PHE A 40 -5.84 -1.70 10.70
C PHE A 40 -6.30 -0.77 9.60
N ALA A 41 -6.29 0.52 9.85
CA ALA A 41 -6.51 1.49 8.81
C ALA A 41 -5.39 1.40 7.78
N MET A 42 -5.75 1.32 6.50
CA MET A 42 -4.77 1.19 5.44
C MET A 42 -4.05 2.48 5.13
N CYS A 43 -4.71 3.60 5.31
CA CYS A 43 -4.20 4.90 4.86
CA CYS A 43 -4.15 4.87 4.88
C CYS A 43 -3.82 4.78 3.38
N SER A 44 -2.75 5.42 2.95
CA SER A 44 -2.42 5.42 1.52
C SER A 44 -1.97 4.10 0.96
N THR A 45 -1.82 3.04 1.75
CA THR A 45 -1.49 1.76 1.13
C THR A 45 -2.66 1.29 0.27
N SER A 46 -3.83 1.86 0.50
CA SER A 46 -5.01 1.53 -0.32
CA SER A 46 -5.03 1.56 -0.30
C SER A 46 -4.86 1.96 -1.77
N LYS A 47 -3.94 2.88 -2.04
N LYS A 47 -3.92 2.85 -2.06
CA LYS A 47 -3.74 3.38 -3.39
CA LYS A 47 -3.78 3.38 -3.41
C LYS A 47 -3.42 2.23 -4.34
C LYS A 47 -3.33 2.26 -4.37
N VAL A 48 -2.74 1.19 -3.85
CA VAL A 48 -2.33 0.05 -4.70
C VAL A 48 -3.58 -0.58 -5.30
N MET A 49 -4.66 -0.65 -4.54
CA MET A 49 -5.84 -1.33 -5.03
C MET A 49 -6.57 -0.51 -6.06
N ALA A 50 -6.62 0.81 -5.91
CA ALA A 50 -7.21 1.70 -6.91
C ALA A 50 -6.43 1.67 -8.21
N ALA A 51 -5.11 1.68 -8.15
CA ALA A 51 -4.31 1.58 -9.36
C ALA A 51 -4.50 0.22 -10.03
N ALA A 52 -4.55 -0.86 -9.25
CA ALA A 52 -4.70 -2.18 -9.81
C ALA A 52 -6.03 -2.37 -10.45
N ALA A 53 -7.05 -1.71 -9.91
CA ALA A 53 -8.37 -1.83 -10.50
C ALA A 53 -8.43 -1.21 -11.89
N VAL A 54 -7.70 -0.11 -12.09
CA VAL A 54 -7.64 0.52 -13.41
C VAL A 54 -6.78 -0.36 -14.34
N LEU A 55 -5.70 -0.97 -13.84
CA LEU A 55 -4.94 -1.89 -14.67
C LEU A 55 -5.82 -3.07 -15.13
N LYS A 56 -6.63 -3.61 -14.24
CA LYS A 56 -7.56 -4.68 -14.64
C LYS A 56 -8.49 -4.25 -15.77
N GLN A 57 -9.03 -3.05 -15.68
CA GLN A 57 -9.84 -2.52 -16.79
C GLN A 57 -9.06 -2.52 -18.09
N SER A 58 -7.78 -2.17 -18.04
CA SER A 58 -6.98 -2.04 -19.26
C SER A 58 -6.72 -3.38 -19.97
N GLU A 59 -7.01 -4.49 -19.30
CA GLU A 59 -6.83 -5.82 -19.90
C GLU A 59 -7.80 -5.97 -21.07
N SER A 60 -8.90 -5.27 -20.99
CA SER A 60 -9.98 -5.43 -21.99
C SER A 60 -10.21 -4.18 -22.80
N ASP A 61 -9.45 -3.13 -22.50
CA ASP A 61 -9.61 -1.84 -23.14
C ASP A 61 -8.24 -1.24 -23.40
N LYS A 62 -7.74 -1.46 -24.59
CA LYS A 62 -6.37 -1.06 -24.98
C LYS A 62 -6.11 0.45 -24.94
N HIS A 63 -7.15 1.26 -25.02
CA HIS A 63 -6.96 2.70 -25.06
C HIS A 63 -6.97 3.37 -23.69
N LEU A 64 -7.32 2.61 -22.66
CA LEU A 64 -7.72 3.21 -21.42
C LEU A 64 -6.57 3.96 -20.76
N LEU A 65 -5.41 3.36 -20.72
CA LEU A 65 -4.38 4.00 -19.93
C LEU A 65 -3.88 5.30 -20.53
N ASN A 66 -4.08 5.49 -21.82
CA ASN A 66 -3.72 6.75 -22.46
C ASN A 66 -4.80 7.78 -22.44
N GLN A 67 -5.94 7.46 -21.85
CA GLN A 67 -7.02 8.41 -21.73
C GLN A 67 -6.58 9.62 -20.89
N ARG A 68 -6.86 10.84 -21.36
CA ARG A 68 -6.46 12.06 -20.67
C ARG A 68 -7.56 12.52 -19.72
N VAL A 69 -7.13 13.02 -18.57
CA VAL A 69 -8.00 13.54 -17.54
C VAL A 69 -7.56 14.97 -17.26
N GLU A 70 -8.52 15.89 -17.24
CA GLU A 70 -8.24 17.28 -16.94
CA GLU A 70 -8.20 17.26 -16.93
C GLU A 70 -8.01 17.48 -15.45
N ILE A 71 -6.97 18.25 -15.12
CA ILE A 71 -6.67 18.62 -13.76
C ILE A 71 -6.98 20.11 -13.59
N LYS A 72 -7.90 20.40 -12.67
CA LYS A 72 -8.30 21.77 -12.35
C LYS A 72 -7.91 22.13 -10.91
N LYS A 73 -7.81 23.42 -10.64
CA LYS A 73 -7.45 23.86 -9.30
C LYS A 73 -8.35 23.26 -8.25
N SER A 74 -9.62 23.08 -8.58
CA SER A 74 -10.59 22.59 -7.60
C SER A 74 -10.40 21.12 -7.30
N ASP A 75 -9.62 20.43 -8.14
CA ASP A 75 -9.35 19.02 -7.88
C ASP A 75 -8.32 18.82 -6.79
N LEU A 76 -7.53 19.84 -6.53
CA LEU A 76 -6.43 19.66 -5.59
C LEU A 76 -6.94 19.50 -4.16
N VAL A 77 -6.34 18.58 -3.43
CA VAL A 77 -6.61 18.42 -2.03
C VAL A 77 -5.38 18.76 -1.23
N ASN A 78 -5.05 17.96 -0.22
CA ASN A 78 -4.05 18.37 0.75
C ASN A 78 -2.59 18.04 0.41
N TYR A 79 -2.36 17.06 -0.46
CA TYR A 79 -1.01 16.58 -0.77
C TYR A 79 -1.03 16.09 -2.21
N ASN A 80 -0.51 16.87 -3.12
CA ASN A 80 -0.61 16.56 -4.54
CA ASN A 80 -0.60 16.57 -4.55
C ASN A 80 0.63 17.06 -5.30
N PRO A 81 1.76 16.45 -5.03
CA PRO A 81 3.06 16.94 -5.51
C PRO A 81 3.17 16.84 -7.01
N ILE A 82 2.44 15.92 -7.62
CA ILE A 82 2.54 15.75 -9.07
C ILE A 82 1.36 16.47 -9.72
N ALA A 83 0.15 16.35 -9.19
CA ALA A 83 -0.99 16.94 -9.85
C ALA A 83 -0.88 18.46 -9.88
N GLU A 84 -0.30 19.03 -8.86
CA GLU A 84 -0.18 20.48 -8.84
C GLU A 84 0.67 21.00 -10.00
N LYS A 85 1.54 20.18 -10.55
CA LYS A 85 2.38 20.61 -11.69
C LYS A 85 1.64 20.58 -13.01
N HIS A 86 0.39 20.09 -12.99
CA HIS A 86 -0.40 19.91 -14.23
C HIS A 86 -1.75 20.62 -14.23
N VAL A 87 -1.94 21.54 -13.29
CA VAL A 87 -3.17 22.30 -13.22
C VAL A 87 -3.40 23.08 -14.53
N ASN A 88 -4.64 23.01 -14.97
CA ASN A 88 -5.10 23.46 -16.28
C ASN A 88 -4.56 22.65 -17.47
N GLY A 89 -3.87 21.55 -17.18
CA GLY A 89 -3.48 20.59 -18.20
C GLY A 89 -4.17 19.24 -18.01
N THR A 90 -3.58 18.21 -18.59
CA THR A 90 -4.12 16.88 -18.49
C THR A 90 -3.04 15.94 -17.98
N MET A 91 -3.53 14.82 -17.43
CA MET A 91 -2.69 13.68 -17.14
C MET A 91 -3.39 12.46 -17.65
N THR A 92 -2.63 11.47 -18.11
CA THR A 92 -3.26 10.23 -18.52
C THR A 92 -3.56 9.36 -17.29
N LEU A 93 -4.43 8.37 -17.45
CA LEU A 93 -4.72 7.48 -16.37
C LEU A 93 -3.45 6.78 -15.93
N ALA A 94 -2.57 6.45 -16.87
CA ALA A 94 -1.29 5.81 -16.47
C ALA A 94 -0.47 6.74 -15.62
N GLU A 95 -0.45 8.00 -16.00
CA GLU A 95 0.32 8.97 -15.26
C GLU A 95 -0.26 9.15 -13.85
N LEU A 96 -1.58 9.08 -13.72
CA LEU A 96 -2.25 9.21 -12.44
C LEU A 96 -1.92 7.99 -11.60
N GLY A 97 -1.89 6.82 -12.21
CA GLY A 97 -1.48 5.61 -11.49
C GLY A 97 -0.11 5.76 -10.92
N ALA A 98 0.82 6.18 -11.77
CA ALA A 98 2.19 6.38 -11.35
C ALA A 98 2.30 7.38 -10.21
N ALA A 99 1.57 8.48 -10.31
CA ALA A 99 1.68 9.54 -9.32
C ALA A 99 1.11 9.08 -7.98
N ALA A 100 0.00 8.38 -8.02
CA ALA A 100 -0.61 7.86 -6.81
C ALA A 100 0.32 6.90 -6.10
N LEU A 101 0.96 6.04 -6.85
CA LEU A 101 1.82 5.07 -6.20
C LEU A 101 3.20 5.53 -5.85
N GLN A 102 3.84 6.26 -6.75
CA GLN A 102 5.25 6.63 -6.54
C GLN A 102 5.46 7.86 -5.67
N TYR A 103 4.49 8.74 -5.65
CA TYR A 103 4.54 9.96 -4.84
C TYR A 103 3.42 10.07 -3.81
N SER A 104 2.50 9.12 -3.80
CA SER A 104 1.34 9.18 -2.94
C SER A 104 0.50 10.43 -3.13
N ASP A 105 0.36 10.83 -4.38
CA ASP A 105 -0.48 11.98 -4.73
C ASP A 105 -1.94 11.71 -4.48
N ASN A 106 -2.56 12.55 -3.64
CA ASN A 106 -3.95 12.34 -3.26
C ASN A 106 -4.94 12.76 -4.32
N THR A 107 -4.63 13.78 -5.13
CA THR A 107 -5.47 14.09 -6.24
C THR A 107 -5.48 12.93 -7.27
N ALA A 108 -4.32 12.31 -7.48
CA ALA A 108 -4.23 11.21 -8.42
C ALA A 108 -5.14 10.09 -7.94
N MET A 109 -5.07 9.80 -6.65
CA MET A 109 -5.98 8.77 -6.09
C MET A 109 -7.43 9.09 -6.32
N ASN A 110 -7.85 10.33 -6.06
CA ASN A 110 -9.24 10.64 -6.17
C ASN A 110 -9.72 10.58 -7.61
N LYS A 111 -8.84 10.94 -8.55
CA LYS A 111 -9.19 10.83 -9.98
C LYS A 111 -9.36 9.40 -10.40
N LEU A 112 -8.54 8.49 -9.88
CA LEU A 112 -8.71 7.09 -10.19
C LEU A 112 -10.04 6.60 -9.65
N ILE A 113 -10.35 6.95 -8.40
CA ILE A 113 -11.60 6.52 -7.80
C ILE A 113 -12.79 7.06 -8.59
N ALA A 114 -12.72 8.32 -8.98
CA ALA A 114 -13.83 8.93 -9.74
C ALA A 114 -14.04 8.22 -11.06
N HIS A 115 -12.93 7.86 -11.71
CA HIS A 115 -13.03 7.12 -12.98
C HIS A 115 -13.71 5.77 -12.79
N LEU A 116 -13.36 5.08 -11.69
CA LEU A 116 -13.91 3.75 -11.41
C LEU A 116 -15.39 3.84 -10.99
N GLY A 117 -15.79 4.96 -10.43
CA GLY A 117 -17.19 5.13 -10.01
C GLY A 117 -17.45 5.11 -8.53
N GLY A 118 -16.40 5.27 -7.75
CA GLY A 118 -16.51 5.39 -6.30
C GLY A 118 -15.74 4.34 -5.52
N PRO A 119 -15.54 4.59 -4.23
CA PRO A 119 -14.79 3.64 -3.41
C PRO A 119 -15.39 2.25 -3.37
N ASP A 120 -16.70 2.13 -3.48
CA ASP A 120 -17.31 0.81 -3.50
CA ASP A 120 -17.36 0.83 -3.54
C ASP A 120 -16.85 -0.03 -4.69
N LYS A 121 -16.46 0.62 -5.80
CA LYS A 121 -15.95 -0.11 -6.95
C LYS A 121 -14.57 -0.67 -6.70
N VAL A 122 -13.79 0.00 -5.86
CA VAL A 122 -12.49 -0.55 -5.50
C VAL A 122 -12.68 -1.76 -4.62
N THR A 123 -13.61 -1.67 -3.68
CA THR A 123 -13.93 -2.82 -2.85
C THR A 123 -14.43 -4.05 -3.65
N ALA A 124 -15.22 -3.77 -4.66
CA ALA A 124 -15.70 -4.86 -5.49
C ALA A 124 -14.56 -5.49 -6.27
N PHE A 125 -13.59 -4.68 -6.69
CA PHE A 125 -12.40 -5.26 -7.31
C PHE A 125 -11.66 -6.17 -6.37
N ALA A 126 -11.43 -5.73 -5.13
CA ALA A 126 -10.79 -6.60 -4.17
C ALA A 126 -11.51 -7.91 -4.00
N ARG A 127 -12.82 -7.86 -3.96
CA ARG A 127 -13.62 -9.08 -3.76
CA ARG A 127 -13.56 -9.09 -3.73
C ARG A 127 -13.42 -10.01 -4.92
N SER A 128 -13.27 -9.44 -6.10
CA SER A 128 -13.10 -10.27 -7.31
C SER A 128 -11.80 -11.03 -7.31
N LEU A 129 -10.84 -10.59 -6.49
CA LEU A 129 -9.57 -11.25 -6.32
C LEU A 129 -9.55 -12.24 -5.18
N GLY A 130 -10.69 -12.41 -4.52
CA GLY A 130 -10.78 -13.28 -3.37
C GLY A 130 -10.44 -12.65 -2.04
N ASP A 131 -10.34 -11.33 -2.02
CA ASP A 131 -10.08 -10.62 -0.78
C ASP A 131 -11.42 -10.21 -0.22
N GLU A 132 -11.77 -10.90 0.87
CA GLU A 132 -13.04 -10.65 1.52
C GLU A 132 -12.93 -9.69 2.71
N THR A 133 -11.74 -9.13 2.91
CA THR A 133 -11.40 -8.36 4.06
C THR A 133 -11.29 -6.87 3.78
N PHE A 134 -10.57 -6.54 2.73
CA PHE A 134 -10.43 -5.17 2.28
C PHE A 134 -11.74 -4.40 2.18
N ARG A 135 -11.79 -3.19 2.70
CA ARG A 135 -12.86 -2.29 2.35
C ARG A 135 -12.37 -0.86 2.20
N LEU A 136 -12.79 -0.24 1.11
CA LEU A 136 -12.59 1.19 0.89
C LEU A 136 -13.93 1.88 0.95
N ASP A 137 -14.00 2.89 1.80
CA ASP A 137 -15.25 3.60 2.10
C ASP A 137 -15.24 5.07 1.72
N ARG A 138 -14.07 5.70 1.82
CA ARG A 138 -13.91 7.14 1.63
C ARG A 138 -12.84 7.48 0.60
N THR A 139 -12.84 8.71 0.13
CA THR A 139 -11.75 9.22 -0.71
C THR A 139 -10.65 9.87 0.09
N ALA A 140 -9.65 10.39 -0.59
CA ALA A 140 -8.54 11.05 0.08
C ALA A 140 -8.87 12.50 0.29
N PRO A 141 -8.43 13.05 1.44
CA PRO A 141 -7.57 12.45 2.43
C PRO A 141 -8.34 11.90 3.60
N THR A 142 -9.68 11.90 3.58
CA THR A 142 -10.40 11.49 4.79
C THR A 142 -10.24 10.02 5.07
N LEU A 143 -9.81 9.21 4.12
CA LEU A 143 -9.53 7.80 4.44
C LEU A 143 -8.35 7.60 5.38
N ASN A 144 -7.61 8.66 5.72
CA ASN A 144 -6.50 8.56 6.65
C ASN A 144 -6.83 8.90 8.10
N THR A 145 -8.11 9.01 8.47
CA THR A 145 -8.43 9.39 9.86
C THR A 145 -7.99 8.33 10.89
N ALA A 146 -8.04 7.05 10.52
CA ALA A 146 -7.46 5.95 11.26
C ALA A 146 -7.92 5.89 12.70
N ILE A 147 -9.21 6.14 12.90
CA ILE A 147 -9.75 6.16 14.25
C ILE A 147 -9.79 4.73 14.83
N PRO A 148 -9.32 4.51 16.06
CA PRO A 148 -9.32 3.20 16.66
C PRO A 148 -10.70 2.60 16.68
N GLY A 149 -10.80 1.38 16.19
CA GLY A 149 -12.07 0.66 16.15
C GLY A 149 -12.97 0.96 14.98
N ASP A 150 -12.64 1.95 14.17
CA ASP A 150 -13.42 2.31 13.01
C ASP A 150 -13.11 1.32 11.90
N PRO A 151 -14.13 0.64 11.35
CA PRO A 151 -13.84 -0.36 10.32
C PRO A 151 -13.66 0.25 8.92
N ARG A 152 -13.98 1.51 8.74
CA ARG A 152 -13.88 2.13 7.42
C ARG A 152 -12.43 2.12 6.95
N ASP A 153 -12.23 1.81 5.67
CA ASP A 153 -10.91 1.93 5.06
C ASP A 153 -9.88 1.09 5.77
N THR A 154 -10.24 -0.14 6.11
CA THR A 154 -9.35 -1.07 6.80
C THR A 154 -9.16 -2.38 6.02
N THR A 155 -8.12 -3.11 6.40
CA THR A 155 -7.91 -4.49 6.04
C THR A 155 -7.05 -5.13 7.13
N THR A 156 -6.69 -6.38 6.98
CA THR A 156 -5.80 -7.06 7.88
C THR A 156 -4.43 -7.27 7.23
N PRO A 157 -3.38 -7.39 8.03
CA PRO A 157 -2.05 -7.63 7.43
C PRO A 157 -2.03 -8.86 6.58
N LEU A 158 -2.64 -9.95 7.02
CA LEU A 158 -2.58 -11.20 6.22
C LEU A 158 -3.35 -11.03 4.91
N ALA A 159 -4.53 -10.40 4.96
CA ALA A 159 -5.30 -10.25 3.72
C ALA A 159 -4.54 -9.39 2.72
N MET A 160 -3.90 -8.34 3.20
CA MET A 160 -3.20 -7.46 2.32
C MET A 160 -1.94 -8.14 1.76
N ALA A 161 -1.30 -8.97 2.56
CA ALA A 161 -0.10 -9.69 2.08
C ALA A 161 -0.52 -10.66 0.99
N GLN A 162 -1.60 -11.38 1.20
CA GLN A 162 -2.07 -12.33 0.19
C GLN A 162 -2.48 -11.65 -1.09
N THR A 163 -3.20 -10.54 -1.00
CA THR A 163 -3.61 -9.80 -2.18
C THR A 163 -2.41 -9.19 -2.89
N LEU A 164 -1.44 -8.64 -2.15
CA LEU A 164 -0.29 -8.06 -2.78
C LEU A 164 0.52 -9.11 -3.51
N LYS A 165 0.64 -10.29 -2.93
CA LYS A 165 1.32 -11.42 -3.60
C LYS A 165 0.59 -11.74 -4.90
N ASN A 166 -0.73 -11.79 -4.85
CA ASN A 166 -1.50 -12.16 -6.03
C ASN A 166 -1.37 -11.10 -7.13
N LEU A 167 -1.36 -9.81 -6.76
CA LEU A 167 -1.24 -8.73 -7.69
C LEU A 167 0.12 -8.66 -8.37
N THR A 168 1.20 -8.91 -7.62
CA THR A 168 2.51 -8.65 -8.13
CA THR A 168 2.55 -8.64 -8.06
C THR A 168 3.25 -9.87 -8.63
N LEU A 169 2.90 -11.04 -8.14
CA LEU A 169 3.63 -12.29 -8.44
C LEU A 169 2.71 -13.36 -8.91
N GLY A 170 1.41 -13.16 -8.75
CA GLY A 170 0.44 -14.21 -8.96
C GLY A 170 -0.59 -13.95 -10.02
N LYS A 171 -1.77 -14.49 -9.77
CA LYS A 171 -2.72 -14.63 -10.82
C LYS A 171 -3.71 -13.50 -11.01
N ALA A 172 -3.57 -12.42 -10.28
CA ALA A 172 -4.60 -11.38 -10.34
C ALA A 172 -4.68 -10.58 -11.62
N LEU A 173 -3.53 -10.27 -12.22
CA LEU A 173 -3.44 -9.44 -13.40
C LEU A 173 -2.79 -10.19 -14.53
N ALA A 174 -3.14 -9.85 -15.76
CA ALA A 174 -2.41 -10.35 -16.92
C ALA A 174 -0.99 -9.85 -16.86
N GLU A 175 -0.07 -10.51 -17.57
CA GLU A 175 1.35 -10.20 -17.43
CA GLU A 175 1.35 -10.21 -17.42
C GLU A 175 1.73 -8.77 -17.70
N THR A 176 1.24 -8.15 -18.76
CA THR A 176 1.63 -6.77 -19.08
C THR A 176 1.23 -5.83 -17.90
N GLN A 177 0.06 -6.07 -17.38
CA GLN A 177 -0.43 -5.28 -16.27
C GLN A 177 0.28 -5.55 -14.97
N ARG A 178 0.60 -6.81 -14.68
CA ARG A 178 1.36 -7.21 -13.51
C ARG A 178 2.69 -6.49 -13.55
N ALA A 179 3.35 -6.54 -14.72
CA ALA A 179 4.66 -5.93 -14.83
C ALA A 179 4.59 -4.44 -14.64
N GLN A 180 3.52 -3.80 -15.10
CA GLN A 180 3.41 -2.37 -14.94
C GLN A 180 3.25 -2.02 -13.46
N LEU A 181 2.42 -2.77 -12.75
CA LEU A 181 2.27 -2.52 -11.32
C LEU A 181 3.60 -2.65 -10.60
N VAL A 182 4.38 -3.69 -10.94
CA VAL A 182 5.66 -3.94 -10.30
C VAL A 182 6.61 -2.79 -10.59
N THR A 183 6.63 -2.32 -11.84
CA THR A 183 7.47 -1.17 -12.19
C THR A 183 7.15 0.06 -11.36
N TRP A 184 5.87 0.32 -11.20
CA TRP A 184 5.43 1.45 -10.40
C TRP A 184 5.88 1.28 -8.93
N LEU A 185 5.66 0.12 -8.32
CA LEU A 185 6.06 -0.09 -6.93
C LEU A 185 7.58 0.03 -6.74
N LYS A 186 8.38 -0.48 -7.68
CA LYS A 186 9.81 -0.40 -7.60
CA LYS A 186 9.81 -0.41 -7.55
C LYS A 186 10.29 1.02 -7.65
N GLY A 187 9.54 1.89 -8.29
CA GLY A 187 9.95 3.27 -8.43
C GLY A 187 9.39 4.20 -7.36
N ASN A 188 8.86 3.62 -6.27
CA ASN A 188 8.36 4.45 -5.18
C ASN A 188 9.44 5.35 -4.62
N THR A 189 9.06 6.57 -4.32
CA THR A 189 10.02 7.53 -3.77
C THR A 189 9.82 7.78 -2.29
N THR A 190 8.76 7.27 -1.69
CA THR A 190 8.41 7.60 -0.32
C THR A 190 8.85 6.63 0.77
N GLY A 191 9.50 5.54 0.42
CA GLY A 191 9.66 4.48 1.39
C GLY A 191 11.05 4.28 1.92
N SER A 192 11.95 5.25 1.79
CA SER A 192 13.35 5.03 2.10
CA SER A 192 13.35 5.00 2.11
C SER A 192 13.61 4.67 3.58
N ALA A 193 12.79 5.22 4.46
CA ALA A 193 12.98 5.05 5.89
C ALA A 193 12.12 3.99 6.53
N SER A 194 11.33 3.33 5.70
CA SER A 194 10.40 2.32 6.20
C SER A 194 10.96 0.91 6.00
N ILE A 195 10.22 -0.02 5.42
CA ILE A 195 10.70 -1.40 5.27
C ILE A 195 12.10 -1.45 4.65
N ARG A 196 12.33 -0.69 3.60
CA ARG A 196 13.63 -0.68 2.89
C ARG A 196 14.81 -0.49 3.82
N ALA A 197 14.62 0.31 4.88
CA ALA A 197 15.74 0.68 5.75
C ALA A 197 16.12 -0.46 6.66
N GLY A 198 15.26 -1.46 6.77
CA GLY A 198 15.56 -2.62 7.57
C GLY A 198 16.09 -3.82 6.83
N LEU A 199 16.36 -3.66 5.53
CA LEU A 199 16.78 -4.75 4.65
C LEU A 199 18.18 -4.52 4.11
N PRO A 200 18.82 -5.60 3.65
CA PRO A 200 20.07 -5.45 2.90
C PRO A 200 19.95 -4.47 1.75
N LYS A 201 20.96 -3.63 1.57
CA LYS A 201 20.87 -2.54 0.61
C LYS A 201 20.75 -2.96 -0.84
N SER A 202 21.21 -4.18 -1.11
CA SER A 202 21.31 -4.73 -2.45
C SER A 202 20.03 -5.41 -2.87
N TRP A 203 19.12 -5.64 -1.93
CA TRP A 203 17.85 -6.24 -2.27
C TRP A 203 17.00 -5.24 -3.01
N VAL A 204 16.15 -5.73 -3.88
CA VAL A 204 15.30 -4.89 -4.68
C VAL A 204 13.91 -4.90 -4.03
N VAL A 205 13.34 -3.72 -3.84
CA VAL A 205 12.10 -3.57 -3.12
C VAL A 205 11.11 -2.78 -3.92
N GLY A 206 9.85 -3.24 -3.97
CA GLY A 206 8.75 -2.41 -4.43
C GLY A 206 7.82 -2.18 -3.25
N ASP A 207 7.41 -0.96 -2.97
CA ASP A 207 6.56 -0.78 -1.77
C ASP A 207 5.61 0.37 -1.96
N LYS A 208 4.62 0.44 -1.08
CA LYS A 208 3.74 1.56 -0.94
C LYS A 208 3.52 1.87 0.53
N THR A 209 3.82 3.11 0.91
CA THR A 209 3.68 3.57 2.27
C THR A 209 2.28 4.11 2.52
N GLY A 210 1.96 4.37 3.79
CA GLY A 210 0.82 5.17 4.09
C GLY A 210 0.94 5.64 5.51
N SER A 211 0.49 6.84 5.74
CA SER A 211 0.50 7.37 7.08
CA SER A 211 0.54 7.44 7.05
C SER A 211 -0.74 8.20 7.31
N GLY A 212 -1.12 8.27 8.56
CA GLY A 212 -2.34 9.00 8.89
C GLY A 212 -2.34 9.44 10.33
N ASP A 213 -3.53 9.82 10.81
CA ASP A 213 -3.70 10.18 12.20
CA ASP A 213 -3.70 10.20 12.21
C ASP A 213 -3.50 8.97 13.12
N TYR A 214 -3.53 9.19 14.45
CA TYR A 214 -3.23 8.16 15.44
C TYR A 214 -1.87 7.53 15.16
N GLY A 215 -0.98 8.37 14.64
CA GLY A 215 0.40 7.97 14.39
C GLY A 215 0.50 6.76 13.50
N THR A 216 -0.52 6.58 12.65
CA THR A 216 -0.63 5.36 11.87
C THR A 216 0.41 5.40 10.77
N THR A 217 1.20 4.34 10.72
CA THR A 217 2.40 4.27 9.88
C THR A 217 2.50 2.89 9.28
N ASN A 218 2.36 2.80 7.95
CA ASN A 218 2.20 1.56 7.23
C ASN A 218 3.14 1.48 6.03
N ASP A 219 3.48 0.25 5.66
CA ASP A 219 4.21 -0.01 4.40
C ASP A 219 3.88 -1.41 3.99
N ILE A 220 3.69 -1.61 2.69
CA ILE A 220 3.51 -2.93 2.11
C ILE A 220 4.53 -3.10 1.00
N ALA A 221 5.19 -4.23 0.98
CA ALA A 221 6.30 -4.42 0.07
C ALA A 221 6.43 -5.80 -0.53
N VAL A 222 6.93 -5.83 -1.77
N VAL A 222 7.00 -5.83 -1.72
CA VAL A 222 7.47 -7.04 -2.38
CA VAL A 222 7.44 -7.06 -2.37
C VAL A 222 8.98 -6.89 -2.43
C VAL A 222 8.95 -6.94 -2.53
N ILE A 223 9.66 -7.97 -2.05
CA ILE A 223 11.10 -7.95 -1.84
C ILE A 223 11.72 -9.05 -2.70
N TRP A 224 12.71 -8.68 -3.52
CA TRP A 224 13.45 -9.64 -4.37
C TRP A 224 14.90 -9.76 -3.87
N PRO A 225 15.19 -10.78 -3.08
CA PRO A 225 16.60 -11.04 -2.68
C PRO A 225 17.46 -11.40 -3.88
N GLU A 226 18.78 -11.30 -3.73
CA GLU A 226 19.67 -11.52 -4.83
C GLU A 226 19.80 -12.99 -5.24
N ASN A 227 19.59 -13.89 -4.28
CA ASN A 227 19.76 -15.33 -4.44
C ASN A 227 18.67 -16.22 -3.85
N HIS A 228 17.44 -15.65 -3.67
CA HIS A 228 16.32 -16.38 -3.11
C HIS A 228 15.00 -15.92 -3.72
N ALA A 229 13.95 -16.70 -3.49
CA ALA A 229 12.61 -16.36 -3.98
C ALA A 229 12.06 -15.13 -3.26
N PRO A 230 11.16 -14.41 -3.87
CA PRO A 230 10.63 -13.20 -3.26
C PRO A 230 9.91 -13.40 -1.94
N LEU A 231 9.84 -12.30 -1.20
CA LEU A 231 9.11 -12.20 0.07
C LEU A 231 8.09 -11.11 -0.10
N VAL A 232 6.96 -11.30 0.54
CA VAL A 232 5.95 -10.26 0.59
C VAL A 232 5.80 -9.87 2.05
N LEU A 233 5.85 -8.57 2.35
CA LEU A 233 5.88 -8.11 3.74
C LEU A 233 4.91 -6.97 3.89
N VAL A 234 4.01 -7.06 4.88
CA VAL A 234 3.14 -5.97 5.27
C VAL A 234 3.44 -5.62 6.73
N THR A 235 3.69 -4.34 6.99
CA THR A 235 3.90 -3.83 8.34
C THR A 235 2.95 -2.65 8.57
N TYR A 236 2.05 -2.82 9.54
CA TYR A 236 1.05 -1.82 9.89
C TYR A 236 1.29 -1.43 11.35
N PHE A 237 1.15 -0.16 11.69
CA PHE A 237 1.43 0.29 13.06
C PHE A 237 0.52 1.46 13.36
N THR A 238 -0.08 1.44 14.55
CA THR A 238 -0.95 2.53 14.93
C THR A 238 -0.86 2.74 16.45
N GLN A 239 -1.27 3.91 16.91
CA GLN A 239 -1.06 4.35 18.30
C GLN A 239 -2.37 4.88 18.88
N PRO A 240 -2.40 5.04 20.21
CA PRO A 240 -3.71 5.35 20.83
C PRO A 240 -4.07 6.81 20.88
N GLU A 241 -3.14 7.69 20.63
CA GLU A 241 -3.42 9.12 20.69
C GLU A 241 -3.49 9.73 19.31
N GLN A 242 -4.50 10.55 19.08
CA GLN A 242 -4.78 11.08 17.75
CA GLN A 242 -4.78 11.08 17.76
C GLN A 242 -3.59 11.80 17.10
N LYS A 243 -2.81 12.54 17.91
CA LYS A 243 -1.73 13.38 17.36
C LYS A 243 -0.35 12.79 17.56
N ALA A 244 -0.29 11.49 17.79
CA ALA A 244 0.96 10.74 17.87
C ALA A 244 1.82 10.94 16.64
N GLU A 245 3.13 10.97 16.86
CA GLU A 245 4.07 11.03 15.74
C GLU A 245 4.03 9.74 14.94
N ASN A 246 4.17 9.88 13.62
CA ASN A 246 4.42 8.68 12.81
C ASN A 246 5.78 8.07 13.08
N ARG A 247 5.88 6.78 12.89
CA ARG A 247 7.04 6.01 13.30
C ARG A 247 7.53 5.05 12.19
N ASN A 248 8.11 5.60 11.14
CA ASN A 248 8.67 4.76 10.09
C ASN A 248 9.76 3.87 10.62
N ASP A 249 10.48 4.32 11.68
CA ASP A 249 11.54 3.51 12.25
C ASP A 249 11.09 2.21 12.87
N ILE A 250 9.86 2.17 13.35
CA ILE A 250 9.31 0.94 13.88
C ILE A 250 9.10 -0.10 12.75
N LEU A 251 8.73 0.38 11.57
CA LEU A 251 8.54 -0.51 10.39
C LEU A 251 9.88 -1.07 9.90
N ALA A 252 10.93 -0.25 9.92
CA ALA A 252 12.25 -0.70 9.61
C ALA A 252 12.70 -1.74 10.60
N ALA A 253 12.48 -1.49 11.90
CA ALA A 253 12.85 -2.46 12.92
C ALA A 253 12.12 -3.78 12.79
N ALA A 254 10.84 -3.73 12.51
CA ALA A 254 10.09 -4.95 12.33
C ALA A 254 10.59 -5.75 11.13
N ALA A 255 10.93 -5.03 10.07
CA ALA A 255 11.42 -5.67 8.85
C ALA A 255 12.73 -6.40 9.10
N LYS A 256 13.59 -5.76 9.89
CA LYS A 256 14.88 -6.33 10.28
C LYS A 256 14.67 -7.58 11.09
N ILE A 257 13.77 -7.51 12.06
CA ILE A 257 13.45 -8.67 12.89
C ILE A 257 12.95 -9.85 12.06
N VAL A 258 12.00 -9.66 11.13
CA VAL A 258 11.38 -10.83 10.49
C VAL A 258 12.18 -11.35 9.30
N THR A 259 13.15 -10.60 8.82
CA THR A 259 13.99 -11.10 7.71
C THR A 259 15.38 -11.53 8.17
N HIS A 260 15.62 -11.57 9.48
CA HIS A 260 16.96 -11.84 9.97
C HIS A 260 17.36 -13.28 9.73
N GLY A 261 18.67 -13.52 9.87
CA GLY A 261 19.24 -14.83 9.65
C GLY A 261 19.31 -15.11 8.16
N PHE A 262 18.14 -15.04 7.54
CA PHE A 262 18.06 -15.16 6.11
C PHE A 262 18.58 -13.90 5.40
S1 CEF B . 0.06 11.90 2.08
C1 CEF B . 1.64 12.09 2.00
C2 CEF B . 2.52 10.90 2.30
C3 CEF B . 3.53 10.75 1.28
C4 CEF B . 1.59 9.50 2.44
C5 CEF B . 2.29 8.35 2.52
O1 CEF B . 2.91 8.14 3.60
O2 CEF B . 2.43 7.46 1.63
N1 CEF B . 0.41 9.50 1.50
C6 CEF B . -0.24 10.38 2.40
C7 CEF B . -1.77 9.92 2.64
C8 CEF B . -1.79 8.48 2.58
O3 CEF B . -1.60 7.94 3.68
N2 CEF B . -1.85 10.22 4.01
C9 CEF B . -2.28 11.53 4.36
O4 CEF B . -2.56 12.34 3.47
C10 CEF B . -2.35 11.76 5.87
N3 CEF B . -3.15 12.91 6.21
O5 CEF B . -4.38 12.70 5.63
C11 CEF B . -5.42 13.20 6.47
C12 CEF B . -1.00 11.86 6.46
C13 CEF B . 0.20 11.90 5.70
S2 CEF B . 1.42 12.01 6.89
C14 CEF B . 0.44 11.97 8.25
N4 CEF B . 0.83 12.03 9.62
N5 CEF B . -0.83 11.89 7.81
S SO4 C . 20.47 -13.05 -0.77
O1 SO4 C . 20.63 -11.77 -1.42
O2 SO4 C . 21.80 -13.68 -0.90
O3 SO4 C . 19.45 -13.86 -1.48
O4 SO4 C . 20.12 -12.98 0.64
S SO4 D . 10.38 8.32 11.38
O1 SO4 D . 11.46 7.96 10.40
O2 SO4 D . 10.58 9.72 11.78
O3 SO4 D . 8.97 8.29 10.90
O4 SO4 D . 10.54 7.51 12.59
S SO4 E . -17.52 10.68 10.23
O1 SO4 E . -17.75 11.98 10.85
O2 SO4 E . -16.12 10.25 10.51
O3 SO4 E . -17.71 10.77 8.78
O4 SO4 E . -18.51 9.75 10.74
S SO4 F . -4.49 5.75 -27.84
O1 SO4 F . -3.53 6.84 -27.68
O2 SO4 F . -4.41 4.85 -26.70
O3 SO4 F . -4.15 5.00 -29.05
O4 SO4 F . -5.83 6.30 -27.94
S SO4 G . 24.15 -6.32 0.93
O1 SO4 G . 25.50 -6.66 0.47
O2 SO4 G . 24.16 -6.13 2.38
O3 SO4 G . 23.73 -5.08 0.29
O4 SO4 G . 23.24 -7.40 0.56
#